data_4N9H
#
_entry.id   4N9H
#
_cell.length_a   120.617
_cell.length_b   120.617
_cell.length_c   60.349
_cell.angle_alpha   90.00
_cell.angle_beta   90.00
_cell.angle_gamma   120.00
#
_symmetry.space_group_name_H-M   'P 61'
#
loop_
_entity.id
_entity.type
_entity.pdbx_description
1 polymer 'Catabolite gene activator'
2 water water
#
_entity_poly.entity_id   1
_entity_poly.type   'polypeptide(L)'
_entity_poly.pdbx_seq_one_letter_code
;(MSE)VLGKPQTDPTLEWFLSHCHIHKYPSKSTLIHQGEKAETLYYIVKGSVAVLIKDEEGKE(MSE)ILSYLNQGDFIG
ELGLFEEGQERSAWVRAKTACEVAEISYKKFRQLIQVNPDIL(MSE)RLSAQ(MSE)ARRLQVTSEKVGNLAFLDVTGRI
AQTLLNLAKQPDA(MSE)THPDG(MSE)QIKITRQEIGQIVGCSRETVGRILK(MSE)LEDQNLISAHGKTIVVYGTR
;
_entity_poly.pdbx_strand_id   A,B
#
# COMPACT_ATOMS: atom_id res chain seq x y z
N PRO A 10 -21.63 3.22 -24.68
CA PRO A 10 -21.35 2.07 -25.54
C PRO A 10 -20.69 0.94 -24.74
N THR A 11 -19.37 1.04 -24.55
CA THR A 11 -18.61 0.13 -23.67
C THR A 11 -19.29 -0.10 -22.30
N LEU A 12 -19.68 0.98 -21.61
CA LEU A 12 -20.24 0.83 -20.25
C LEU A 12 -21.59 0.17 -20.29
N GLU A 13 -22.38 0.55 -21.27
CA GLU A 13 -23.71 -0.02 -21.37
C GLU A 13 -23.65 -1.49 -21.71
N TRP A 14 -22.74 -1.87 -22.60
CA TRP A 14 -22.50 -3.26 -22.91
C TRP A 14 -22.10 -4.00 -21.64
N PHE A 15 -21.14 -3.46 -20.91
CA PHE A 15 -20.66 -4.10 -19.71
C PHE A 15 -21.81 -4.27 -18.73
N LEU A 16 -22.51 -3.16 -18.46
CA LEU A 16 -23.63 -3.17 -17.53
C LEU A 16 -24.72 -4.20 -17.84
N SER A 17 -25.04 -4.42 -19.12
CA SER A 17 -26.02 -5.52 -19.41
C SER A 17 -25.62 -6.91 -18.90
N HIS A 18 -24.34 -7.10 -18.57
CA HIS A 18 -23.97 -8.45 -18.08
C HIS A 18 -23.95 -8.48 -16.61
N CYS A 19 -24.16 -7.33 -15.97
CA CYS A 19 -24.14 -7.31 -14.51
C CYS A 19 -25.54 -7.54 -13.90
N HIS A 20 -25.60 -7.92 -12.63
CA HIS A 20 -26.80 -7.74 -11.86
C HIS A 20 -26.66 -6.35 -11.25
N ILE A 21 -27.67 -5.50 -11.48
CA ILE A 21 -27.71 -4.13 -10.92
C ILE A 21 -28.61 -4.05 -9.72
N HIS A 22 -28.05 -3.84 -8.53
CA HIS A 22 -28.80 -3.84 -7.29
C HIS A 22 -28.93 -2.44 -6.76
N LYS A 23 -30.01 -2.19 -6.01
CA LYS A 23 -30.21 -0.95 -5.33
C LYS A 23 -29.88 -1.15 -3.86
N TYR A 24 -29.08 -0.28 -3.26
CA TYR A 24 -28.90 -0.34 -1.81
C TYR A 24 -29.33 0.97 -1.22
N PRO A 25 -30.31 0.97 -0.30
CA PRO A 25 -30.58 2.23 0.36
C PRO A 25 -29.38 2.63 1.21
N SER A 26 -29.37 3.88 1.52
CA SER A 26 -28.38 4.47 2.34
C SER A 26 -28.23 3.80 3.66
N LYS A 27 -26.97 3.68 4.14
CA LYS A 27 -26.61 3.09 5.40
C LYS A 27 -26.64 1.59 5.37
N SER A 28 -27.05 0.98 4.28
CA SER A 28 -27.02 -0.47 4.30
C SER A 28 -25.67 -1.04 3.89
N THR A 29 -25.39 -2.24 4.41
CA THR A 29 -24.09 -2.82 4.25
C THR A 29 -24.04 -3.70 3.02
N LEU A 30 -23.15 -3.40 2.06
CA LEU A 30 -23.17 -4.18 0.82
C LEU A 30 -22.21 -5.39 0.94
N ILE A 31 -21.14 -5.23 1.71
CA ILE A 31 -20.03 -6.23 1.73
C ILE A 31 -19.52 -6.36 3.18
N HIS A 32 -19.47 -7.60 3.71
CA HIS A 32 -18.99 -7.84 5.06
C HIS A 32 -17.52 -8.18 4.97
N GLN A 33 -16.68 -7.58 5.80
CA GLN A 33 -15.30 -8.01 5.88
C GLN A 33 -15.28 -9.50 6.18
N GLY A 34 -14.40 -10.23 5.49
CA GLY A 34 -14.23 -11.65 5.75
C GLY A 34 -15.11 -12.49 4.86
N GLU A 35 -16.06 -11.83 4.17
CA GLU A 35 -16.93 -12.50 3.18
C GLU A 35 -16.09 -13.02 2.02
N LYS A 36 -16.61 -14.01 1.31
CA LYS A 36 -15.92 -14.57 0.19
C LYS A 36 -15.89 -13.57 -0.94
N ALA A 37 -14.74 -13.43 -1.57
CA ALA A 37 -14.57 -12.48 -2.63
C ALA A 37 -14.69 -13.10 -4.01
N GLU A 38 -15.88 -13.04 -4.60
CA GLU A 38 -16.07 -13.70 -5.91
C GLU A 38 -16.61 -12.77 -6.97
N THR A 39 -16.84 -11.53 -6.57
CA THR A 39 -17.50 -10.60 -7.47
C THR A 39 -16.86 -9.26 -7.50
N LEU A 40 -17.04 -8.66 -8.64
CA LEU A 40 -16.62 -7.33 -8.91
C LEU A 40 -17.87 -6.43 -8.90
N TYR A 41 -17.70 -5.24 -8.36
CA TYR A 41 -18.75 -4.24 -8.39
C TYR A 41 -18.33 -2.98 -9.10
N TYR A 42 -19.28 -2.34 -9.77
CA TYR A 42 -19.13 -1.10 -10.43
C TYR A 42 -20.25 -0.15 -9.98
N ILE A 43 -19.88 1.03 -9.48
CA ILE A 43 -20.92 1.94 -8.92
C ILE A 43 -21.61 2.73 -10.03
N VAL A 44 -22.85 2.37 -10.30
CA VAL A 44 -23.61 3.13 -11.29
C VAL A 44 -24.07 4.49 -10.78
N LYS A 45 -24.46 4.58 -9.51
CA LYS A 45 -24.88 5.83 -8.97
C LYS A 45 -24.74 5.74 -7.47
N GLY A 46 -24.43 6.83 -6.79
CA GLY A 46 -24.39 6.80 -5.31
C GLY A 46 -22.95 6.74 -4.79
N SER A 47 -22.76 6.45 -3.50
CA SER A 47 -21.42 6.49 -2.89
C SER A 47 -21.42 5.45 -1.79
N VAL A 48 -20.26 4.83 -1.55
CA VAL A 48 -20.15 3.88 -0.47
C VAL A 48 -18.89 4.23 0.30
N ALA A 49 -18.86 3.80 1.55
CA ALA A 49 -17.71 3.99 2.39
C ALA A 49 -17.03 2.60 2.50
N VAL A 50 -15.70 2.54 2.35
CA VAL A 50 -14.90 1.36 2.70
C VAL A 50 -14.41 1.58 4.12
N LEU A 51 -14.65 0.63 5.01
CA LEU A 51 -14.35 0.91 6.40
C LEU A 51 -13.87 -0.29 7.18
N ILE A 52 -13.13 -0.01 8.25
CA ILE A 52 -12.73 -1.08 9.13
C ILE A 52 -13.19 -0.82 10.55
N LYS A 53 -13.20 -1.86 11.37
CA LYS A 53 -13.70 -1.65 12.77
C LYS A 53 -12.72 -2.25 13.78
N ASP A 54 -12.70 -1.75 15.01
CA ASP A 54 -11.83 -2.36 16.00
C ASP A 54 -12.65 -3.30 16.87
N GLU A 55 -12.01 -3.73 17.94
CA GLU A 55 -12.54 -4.80 18.78
C GLU A 55 -13.76 -4.34 19.58
N GLU A 56 -14.00 -3.04 19.64
CA GLU A 56 -15.20 -2.51 20.30
C GLU A 56 -16.26 -1.98 19.31
N GLY A 57 -16.10 -2.27 18.04
CA GLY A 57 -17.00 -1.67 17.06
C GLY A 57 -16.73 -0.24 16.57
N LYS A 58 -15.79 0.47 17.21
CA LYS A 58 -15.35 1.76 16.68
C LYS A 58 -14.94 1.63 15.20
N GLU A 59 -15.13 2.68 14.41
CA GLU A 59 -15.06 2.55 12.96
C GLU A 59 -14.10 3.51 12.40
N ILE A 61 -13.20 4.99 8.58
CA ILE A 61 -13.54 5.05 7.15
C ILE A 61 -12.33 5.35 6.36
N LEU A 62 -11.97 4.39 5.53
CA LEU A 62 -10.77 4.44 4.75
C LEU A 62 -10.95 5.34 3.54
N SER A 63 -12.11 5.25 2.85
CA SER A 63 -12.36 6.10 1.71
C SER A 63 -13.83 6.04 1.27
N TYR A 64 -14.22 6.94 0.39
CA TYR A 64 -15.49 6.86 -0.33
C TYR A 64 -15.23 6.46 -1.76
N LEU A 65 -16.14 5.67 -2.33
CA LEU A 65 -16.09 5.31 -3.76
C LEU A 65 -17.38 5.84 -4.32
N ASN A 66 -17.32 6.28 -5.56
CA ASN A 66 -18.41 7.02 -6.18
C ASN A 66 -18.73 6.47 -7.52
N GLN A 67 -19.72 7.09 -8.17
CA GLN A 67 -20.18 6.69 -9.48
C GLN A 67 -18.99 6.54 -10.38
N GLY A 68 -18.92 5.45 -11.15
CA GLY A 68 -17.79 5.32 -12.05
C GLY A 68 -16.67 4.57 -11.41
N ASP A 69 -16.72 4.35 -10.08
CA ASP A 69 -15.74 3.49 -9.40
C ASP A 69 -16.09 2.01 -9.32
N PHE A 70 -15.06 1.13 -9.32
CA PHE A 70 -15.27 -0.30 -9.10
C PHE A 70 -15.03 -0.50 -7.66
N ILE A 71 -15.58 -1.61 -7.16
CA ILE A 71 -15.24 -2.09 -5.79
C ILE A 71 -14.81 -3.54 -5.85
N GLY A 72 -13.91 -3.95 -4.97
CA GLY A 72 -13.41 -5.31 -4.99
C GLY A 72 -12.50 -5.71 -6.17
N GLU A 73 -11.94 -4.74 -6.85
CA GLU A 73 -11.11 -5.07 -7.99
C GLU A 73 -9.85 -5.85 -7.53
N LEU A 74 -9.31 -5.63 -6.32
CA LEU A 74 -8.11 -6.44 -5.95
C LEU A 74 -8.38 -7.93 -5.92
N GLY A 75 -9.63 -8.31 -5.75
CA GLY A 75 -9.95 -9.75 -5.67
C GLY A 75 -9.90 -10.46 -7.02
N LEU A 76 -9.95 -9.69 -8.09
CA LEU A 76 -10.04 -10.24 -9.39
C LEU A 76 -8.71 -10.96 -9.68
N PHE A 77 -7.66 -10.59 -8.97
CA PHE A 77 -6.30 -11.06 -9.32
C PHE A 77 -5.76 -12.05 -8.31
N GLU A 78 -6.57 -12.42 -7.35
CA GLU A 78 -6.21 -13.45 -6.41
C GLU A 78 -6.96 -14.71 -6.82
N GLU A 79 -6.96 -15.71 -5.96
CA GLU A 79 -7.92 -16.77 -6.11
C GLU A 79 -8.56 -16.95 -4.74
N GLY A 80 -9.83 -16.57 -4.66
CA GLY A 80 -10.69 -16.72 -3.48
C GLY A 80 -10.23 -16.20 -2.14
N GLN A 81 -9.50 -15.10 -2.07
CA GLN A 81 -9.35 -14.47 -0.73
C GLN A 81 -10.65 -13.85 -0.20
N GLU A 82 -10.62 -13.38 1.02
CA GLU A 82 -11.86 -12.89 1.60
C GLU A 82 -11.76 -11.36 1.61
N ARG A 83 -12.89 -10.70 1.74
CA ARG A 83 -12.89 -9.22 1.69
C ARG A 83 -12.16 -8.70 2.87
N SER A 84 -11.38 -7.68 2.61
CA SER A 84 -10.52 -7.15 3.64
C SER A 84 -11.17 -5.99 4.37
N ALA A 85 -12.36 -5.56 3.91
CA ALA A 85 -13.03 -4.48 4.69
C ALA A 85 -14.54 -4.51 4.58
N TRP A 86 -15.19 -3.64 5.37
CA TRP A 86 -16.61 -3.43 5.24
C TRP A 86 -16.90 -2.43 4.12
N VAL A 87 -18.03 -2.64 3.43
CA VAL A 87 -18.50 -1.65 2.46
C VAL A 87 -19.95 -1.29 2.70
N ARG A 88 -20.19 0.01 2.92
CA ARG A 88 -21.48 0.46 3.36
C ARG A 88 -21.96 1.65 2.55
N ALA A 89 -23.15 1.52 1.98
CA ALA A 89 -23.81 2.59 1.22
C ALA A 89 -23.86 3.92 2.01
N LYS A 90 -23.30 4.96 1.43
CA LYS A 90 -23.27 6.32 2.06
C LYS A 90 -24.50 7.12 1.62
N THR A 91 -24.89 6.93 0.38
CA THR A 91 -26.14 7.47 -0.13
C THR A 91 -26.87 6.25 -0.72
N ALA A 92 -28.07 6.47 -1.26
CA ALA A 92 -28.82 5.43 -1.88
C ALA A 92 -27.96 5.16 -3.10
N CYS A 93 -27.65 3.88 -3.38
CA CYS A 93 -26.68 3.43 -4.43
C CYS A 93 -27.30 2.47 -5.42
N GLU A 94 -26.82 2.49 -6.66
CA GLU A 94 -27.16 1.49 -7.68
C GLU A 94 -25.83 0.86 -8.02
N VAL A 95 -25.63 -0.41 -7.68
CA VAL A 95 -24.34 -1.07 -7.85
C VAL A 95 -24.50 -2.27 -8.83
N ALA A 96 -23.82 -2.19 -9.96
CA ALA A 96 -23.61 -3.34 -10.84
C ALA A 96 -22.68 -4.39 -10.22
N GLU A 97 -23.12 -5.64 -10.25
CA GLU A 97 -22.27 -6.72 -9.75
C GLU A 97 -22.07 -7.77 -10.83
N ILE A 98 -20.88 -8.35 -10.85
CA ILE A 98 -20.49 -9.40 -11.83
C ILE A 98 -19.40 -10.33 -11.26
N SER A 99 -19.55 -11.67 -11.44
CA SER A 99 -18.54 -12.64 -10.94
C SER A 99 -17.20 -12.32 -11.63
N TYR A 100 -16.14 -12.42 -10.86
CA TYR A 100 -14.77 -12.40 -11.39
C TYR A 100 -14.67 -13.33 -12.64
N LYS A 101 -15.30 -14.51 -12.53
CA LYS A 101 -15.25 -15.52 -13.62
C LYS A 101 -15.85 -14.96 -14.85
N LYS A 102 -17.04 -14.39 -14.72
CA LYS A 102 -17.65 -13.86 -15.88
C LYS A 102 -16.97 -12.61 -16.46
N PHE A 103 -16.39 -11.79 -15.56
CA PHE A 103 -15.67 -10.56 -16.01
C PHE A 103 -14.42 -10.95 -16.82
N ARG A 104 -13.70 -11.99 -16.35
CA ARG A 104 -12.51 -12.55 -17.08
C ARG A 104 -12.89 -12.96 -18.51
N GLN A 105 -14.12 -13.43 -18.72
CA GLN A 105 -14.61 -13.72 -20.09
C GLN A 105 -14.92 -12.47 -20.86
N LEU A 106 -15.54 -11.47 -20.23
CA LEU A 106 -15.89 -10.23 -20.96
C LEU A 106 -14.70 -9.44 -21.50
N ILE A 107 -13.64 -9.48 -20.72
CA ILE A 107 -12.37 -8.80 -21.02
C ILE A 107 -11.83 -9.26 -22.39
N GLN A 108 -12.04 -10.54 -22.70
CA GLN A 108 -11.64 -11.08 -24.01
C GLN A 108 -12.42 -10.47 -25.20
N VAL A 109 -13.71 -10.21 -25.01
CA VAL A 109 -14.53 -9.63 -26.06
C VAL A 109 -14.21 -8.17 -26.25
N ASN A 110 -13.80 -7.51 -25.17
CA ASN A 110 -13.57 -6.09 -25.23
C ASN A 110 -12.69 -5.57 -24.06
N PRO A 111 -11.38 -5.62 -24.21
CA PRO A 111 -10.44 -5.21 -23.16
C PRO A 111 -10.62 -3.78 -22.64
N ASP A 112 -11.41 -2.97 -23.33
CA ASP A 112 -11.63 -1.59 -22.92
C ASP A 112 -12.19 -1.48 -21.48
N ILE A 113 -13.02 -2.41 -21.04
CA ILE A 113 -13.52 -2.27 -19.67
C ILE A 113 -12.42 -2.62 -18.68
N LEU A 114 -11.46 -3.44 -19.07
CA LEU A 114 -10.41 -3.74 -18.11
C LEU A 114 -9.43 -2.56 -18.06
N ARG A 116 -10.31 0.38 -18.19
CA ARG A 116 -10.92 1.30 -17.17
C ARG A 116 -10.65 0.89 -15.76
N LEU A 117 -10.84 -0.40 -15.46
CA LEU A 117 -10.55 -0.83 -14.13
C LEU A 117 -9.06 -0.52 -13.83
N SER A 118 -8.18 -0.68 -14.83
CA SER A 118 -6.70 -0.59 -14.52
C SER A 118 -6.30 0.84 -14.34
N ALA A 119 -6.90 1.70 -15.13
CA ALA A 119 -6.70 3.16 -14.88
C ALA A 119 -7.05 3.58 -13.45
N GLN A 120 -8.11 3.00 -12.89
CA GLN A 120 -8.56 3.37 -11.53
C GLN A 120 -7.47 2.95 -10.56
N ALA A 122 -4.42 2.49 -11.22
CA ALA A 122 -3.24 3.38 -11.46
C ALA A 122 -3.44 4.75 -10.78
N ARG A 123 -4.59 5.37 -10.99
CA ARG A 123 -4.82 6.66 -10.29
C ARG A 123 -4.69 6.46 -8.80
N ARG A 124 -5.27 5.39 -8.28
CA ARG A 124 -5.22 5.17 -6.85
C ARG A 124 -3.76 5.09 -6.47
N LEU A 125 -3.01 4.29 -7.20
CA LEU A 125 -1.65 4.01 -6.77
C LEU A 125 -0.87 5.32 -6.86
N GLN A 126 -1.22 6.16 -7.82
CA GLN A 126 -0.50 7.38 -8.05
C GLN A 126 -0.59 8.37 -6.90
N VAL A 127 -1.60 8.21 -6.02
CA VAL A 127 -1.79 9.19 -4.94
C VAL A 127 -1.54 8.55 -3.59
N THR A 128 -0.97 7.36 -3.58
CA THR A 128 -0.74 6.68 -2.34
C THR A 128 0.75 6.70 -2.14
N SER A 129 1.18 7.00 -0.92
CA SER A 129 2.58 6.82 -0.54
C SER A 129 2.80 5.35 -0.41
N GLU A 130 3.86 4.86 -1.04
CA GLU A 130 4.26 3.50 -0.79
C GLU A 130 5.50 3.50 0.13
N LYS A 131 6.23 4.62 0.09
CA LYS A 131 7.35 4.88 1.01
C LYS A 131 6.92 4.82 2.47
N VAL A 132 7.53 3.93 3.25
CA VAL A 132 7.47 4.02 4.72
C VAL A 132 8.85 4.56 5.15
N GLY A 133 8.99 5.02 6.38
CA GLY A 133 10.32 5.44 6.84
C GLY A 133 11.07 4.27 7.42
N ASN A 134 12.28 4.52 7.90
CA ASN A 134 13.09 3.46 8.45
C ASN A 134 12.57 3.06 9.84
N LEU A 135 13.18 2.05 10.42
CA LEU A 135 12.70 1.57 11.69
C LEU A 135 12.73 2.64 12.83
N ALA A 136 13.71 3.56 12.84
CA ALA A 136 13.80 4.52 13.94
C ALA A 136 12.62 5.48 13.82
N PHE A 137 12.26 5.74 12.58
CA PHE A 137 11.16 6.63 12.29
C PHE A 137 9.86 6.00 12.72
N LEU A 138 9.66 4.70 12.45
CA LEU A 138 8.45 4.00 12.90
C LEU A 138 8.40 3.97 14.42
N ASP A 139 9.57 3.79 15.01
CA ASP A 139 9.63 3.65 16.43
C ASP A 139 9.14 4.97 17.05
N VAL A 140 9.70 6.09 16.61
CA VAL A 140 9.34 7.40 17.17
C VAL A 140 7.89 7.81 16.72
N THR A 141 7.48 7.48 15.48
CA THR A 141 6.04 7.59 15.25
C THR A 141 5.14 6.84 16.23
N GLY A 142 5.48 5.59 16.56
CA GLY A 142 4.75 4.84 17.61
C GLY A 142 4.69 5.42 19.04
N ARG A 143 5.81 5.98 19.50
CA ARG A 143 5.90 6.67 20.82
C ARG A 143 4.94 7.88 20.82
N ILE A 144 5.05 8.71 19.80
CA ILE A 144 4.09 9.79 19.71
C ILE A 144 2.67 9.28 19.74
N ALA A 145 2.32 8.32 18.85
CA ALA A 145 0.96 7.83 18.84
C ALA A 145 0.55 7.37 20.24
N GLN A 146 1.45 6.60 20.86
CA GLN A 146 1.20 6.13 22.25
C GLN A 146 0.95 7.27 23.28
N THR A 147 1.75 8.33 23.17
CA THR A 147 1.65 9.49 24.02
C THR A 147 0.27 10.17 23.87
N LEU A 148 -0.10 10.40 22.63
CA LEU A 148 -1.43 10.91 22.30
C LEU A 148 -2.51 10.09 22.91
N LEU A 149 -2.46 8.77 22.72
CA LEU A 149 -3.50 7.86 23.26
C LEU A 149 -3.55 7.79 24.82
N ASN A 150 -2.39 7.77 25.46
CA ASN A 150 -2.30 7.74 26.92
C ASN A 150 -2.96 9.00 27.49
N LEU A 151 -2.61 10.15 26.92
CA LEU A 151 -3.18 11.44 27.27
C LEU A 151 -4.71 11.46 27.12
N ALA A 152 -5.18 11.04 25.96
CA ALA A 152 -6.59 10.96 25.73
C ALA A 152 -7.32 10.04 26.75
N LYS A 153 -6.62 9.10 27.40
CA LYS A 153 -7.30 8.24 28.37
C LYS A 153 -7.45 8.86 29.79
N GLN A 154 -6.75 9.96 30.06
CA GLN A 154 -6.62 10.49 31.45
C GLN A 154 -7.93 11.18 31.92
N PRO A 155 -8.16 11.28 33.26
CA PRO A 155 -9.46 11.78 33.72
C PRO A 155 -9.76 13.19 33.20
N ASP A 156 -8.75 14.07 33.13
CA ASP A 156 -8.92 15.44 32.57
C ASP A 156 -8.80 15.64 31.05
N ALA A 157 -8.74 14.54 30.27
CA ALA A 157 -8.94 14.67 28.82
C ALA A 157 -10.31 15.37 28.57
N THR A 159 -13.64 16.33 26.22
CA THR A 159 -14.52 15.69 25.22
C THR A 159 -14.59 16.56 23.99
N HIS A 160 -14.82 15.96 22.85
CA HIS A 160 -14.91 16.70 21.61
C HIS A 160 -15.76 15.86 20.71
N PRO A 161 -16.39 16.48 19.69
CA PRO A 161 -17.26 15.67 18.83
C PRO A 161 -16.56 14.49 18.10
N ASP A 162 -15.27 14.59 17.80
CA ASP A 162 -14.51 13.55 17.03
C ASP A 162 -13.59 12.58 17.84
N GLY A 163 -13.56 12.75 19.17
CA GLY A 163 -12.78 11.91 20.05
C GLY A 163 -12.46 12.73 21.28
N GLN A 165 -10.05 15.46 23.17
CA GLN A 165 -9.09 16.50 22.92
C GLN A 165 -8.13 16.63 24.12
N ILE A 166 -6.89 16.93 23.78
CA ILE A 166 -5.82 17.09 24.75
C ILE A 166 -5.04 18.39 24.51
N LYS A 167 -4.48 18.91 25.59
CA LYS A 167 -3.65 20.11 25.58
C LYS A 167 -2.19 19.64 25.75
N ILE A 168 -1.35 19.85 24.74
CA ILE A 168 0.08 19.46 24.81
C ILE A 168 0.81 20.11 23.65
N THR A 169 2.04 20.55 23.86
CA THR A 169 2.82 21.20 22.79
C THR A 169 3.78 20.23 22.10
N ARG A 170 4.30 20.68 20.96
CA ARG A 170 5.36 20.02 20.24
C ARG A 170 6.56 19.76 21.12
N GLN A 171 7.09 20.83 21.71
CA GLN A 171 8.14 20.72 22.68
C GLN A 171 7.86 19.64 23.70
N GLU A 172 6.67 19.63 24.25
CA GLU A 172 6.42 18.68 25.35
C GLU A 172 6.48 17.23 24.81
N ILE A 173 5.90 17.00 23.62
CA ILE A 173 5.93 15.67 23.02
C ILE A 173 7.37 15.26 22.77
N GLY A 174 8.13 16.10 22.06
CA GLY A 174 9.56 15.89 21.79
C GLY A 174 10.37 15.39 23.00
N GLN A 175 10.14 16.03 24.15
CA GLN A 175 10.84 15.71 25.40
C GLN A 175 10.32 14.39 25.98
N ILE A 176 9.00 14.17 25.87
CA ILE A 176 8.39 12.96 26.40
C ILE A 176 8.95 11.77 25.67
N VAL A 177 9.30 11.99 24.41
CA VAL A 177 9.43 10.93 23.42
C VAL A 177 10.86 10.79 22.91
N GLY A 178 11.63 11.87 23.00
CA GLY A 178 13.09 11.84 22.75
C GLY A 178 13.48 12.27 21.36
N CYS A 179 12.88 13.34 20.88
CA CYS A 179 13.20 13.74 19.54
C CYS A 179 12.97 15.24 19.44
N SER A 180 13.40 15.82 18.32
CA SER A 180 13.23 17.24 18.05
C SER A 180 11.78 17.62 17.73
N ARG A 181 11.53 18.93 17.55
CA ARG A 181 10.25 19.47 17.06
C ARG A 181 10.18 19.36 15.54
N GLU A 182 11.29 19.63 14.88
CA GLU A 182 11.48 19.17 13.54
C GLU A 182 10.75 17.81 13.42
N THR A 183 10.94 16.97 14.42
CA THR A 183 10.50 15.64 14.23
C THR A 183 9.04 15.46 14.70
N VAL A 184 8.68 16.07 15.83
CA VAL A 184 7.31 16.11 16.30
C VAL A 184 6.39 16.71 15.24
N GLY A 185 6.83 17.78 14.57
CA GLY A 185 6.01 18.45 13.60
C GLY A 185 5.71 17.55 12.43
N ARG A 186 6.77 16.94 11.89
CA ARG A 186 6.69 16.10 10.71
C ARG A 186 5.75 14.90 10.92
N ILE A 187 5.76 14.34 12.12
CA ILE A 187 5.01 13.15 12.40
C ILE A 187 3.54 13.55 12.60
N LEU A 188 3.33 14.61 13.39
CA LEU A 188 1.98 15.13 13.67
C LEU A 188 1.28 15.52 12.36
N LYS A 189 2.03 16.03 11.37
CA LYS A 189 1.42 16.49 10.12
C LYS A 189 0.97 15.28 9.31
N LEU A 191 0.28 12.44 10.78
CA LEU A 191 -0.84 11.75 11.41
C LEU A 191 -2.12 12.49 10.99
N GLU A 192 -1.99 13.81 10.80
CA GLU A 192 -3.14 14.65 10.44
C GLU A 192 -3.59 14.31 9.02
N ASP A 193 -2.62 14.29 8.08
CA ASP A 193 -2.87 13.90 6.67
C ASP A 193 -3.45 12.51 6.55
N GLN A 194 -3.14 11.67 7.53
CA GLN A 194 -3.73 10.36 7.54
C GLN A 194 -5.08 10.32 8.23
N ASN A 195 -5.60 11.48 8.69
CA ASN A 195 -6.95 11.51 9.28
C ASN A 195 -6.97 10.86 10.64
N LEU A 196 -5.87 10.90 11.38
CA LEU A 196 -5.94 10.29 12.72
C LEU A 196 -6.11 11.32 13.83
N ILE A 197 -5.77 12.55 13.52
CA ILE A 197 -5.83 13.60 14.54
C ILE A 197 -6.10 14.91 13.81
N SER A 198 -6.45 15.98 14.53
CA SER A 198 -6.30 17.33 13.97
C SER A 198 -5.51 18.08 15.05
N ALA A 199 -4.62 18.96 14.64
CA ALA A 199 -3.87 19.73 15.64
C ALA A 199 -3.76 21.19 15.27
N HIS A 200 -4.34 22.01 16.16
CA HIS A 200 -4.34 23.46 16.07
C HIS A 200 -3.84 24.05 17.37
N GLY A 201 -2.75 24.80 17.28
CA GLY A 201 -2.11 25.36 18.48
C GLY A 201 -1.48 24.29 19.34
N LYS A 202 -1.94 24.20 20.59
CA LYS A 202 -1.42 23.26 21.60
C LYS A 202 -2.49 22.18 21.84
N THR A 203 -3.46 22.14 20.94
CA THR A 203 -4.62 21.32 21.16
C THR A 203 -4.57 20.27 20.10
N ILE A 204 -4.88 19.04 20.48
CA ILE A 204 -4.91 17.99 19.50
C ILE A 204 -6.16 17.19 19.71
N VAL A 205 -6.93 17.00 18.64
CA VAL A 205 -8.02 16.08 18.75
C VAL A 205 -7.62 14.67 18.24
N VAL A 206 -7.66 13.73 19.16
CA VAL A 206 -7.31 12.33 18.93
C VAL A 206 -8.60 11.57 18.55
N TYR A 207 -8.76 11.30 17.24
CA TYR A 207 -10.06 10.84 16.73
C TYR A 207 -10.47 9.48 17.26
N GLY A 208 -11.74 9.33 17.64
CA GLY A 208 -12.24 8.01 17.97
C GLY A 208 -11.79 7.43 19.29
N THR A 209 -11.09 8.24 20.11
CA THR A 209 -10.84 7.97 21.53
C THR A 209 -12.15 8.25 22.29
N ARG A 210 -12.30 7.69 23.51
CA ARG A 210 -13.48 7.99 24.36
C ARG A 210 -13.23 7.89 25.89
N PRO B 10 1.10 -18.66 -25.47
CA PRO B 10 1.23 -18.39 -24.01
C PRO B 10 1.71 -16.97 -23.77
N THR B 11 1.09 -16.32 -22.80
CA THR B 11 1.02 -14.87 -22.74
C THR B 11 2.40 -14.22 -22.69
N LEU B 12 3.28 -14.67 -21.80
CA LEU B 12 4.52 -13.98 -21.52
C LEU B 12 5.48 -14.01 -22.74
N GLU B 13 5.59 -15.17 -23.35
CA GLU B 13 6.47 -15.39 -24.44
C GLU B 13 5.96 -14.59 -25.59
N TRP B 14 4.63 -14.62 -25.76
CA TRP B 14 4.03 -13.90 -26.85
C TRP B 14 4.27 -12.38 -26.68
N PHE B 15 4.15 -11.88 -25.46
CA PHE B 15 4.41 -10.43 -25.19
C PHE B 15 5.91 -10.10 -25.36
N LEU B 16 6.75 -10.95 -24.83
CA LEU B 16 8.18 -10.74 -24.87
C LEU B 16 8.66 -10.71 -26.34
N SER B 17 8.05 -11.52 -27.20
CA SER B 17 8.33 -11.52 -28.61
C SER B 17 8.02 -10.17 -29.29
N HIS B 18 7.25 -9.26 -28.64
CA HIS B 18 7.02 -7.92 -29.16
C HIS B 18 7.87 -6.86 -28.45
N CYS B 19 8.82 -7.27 -27.60
CA CYS B 19 9.65 -6.31 -26.85
C CYS B 19 11.06 -6.27 -27.46
N HIS B 20 11.85 -5.23 -27.16
CA HIS B 20 13.31 -5.28 -27.31
C HIS B 20 13.88 -5.79 -26.01
N ILE B 21 14.82 -6.74 -26.06
CA ILE B 21 15.50 -7.19 -24.86
C ILE B 21 16.98 -6.75 -24.86
N HIS B 22 17.47 -6.33 -23.71
CA HIS B 22 18.86 -5.90 -23.56
C HIS B 22 19.45 -6.43 -22.28
N LYS B 23 20.78 -6.66 -22.25
CA LYS B 23 21.48 -7.08 -21.03
C LYS B 23 21.93 -5.81 -20.36
N TYR B 24 21.67 -5.68 -19.05
CA TYR B 24 22.22 -4.57 -18.24
C TYR B 24 23.15 -5.14 -17.16
N PRO B 25 24.40 -4.66 -17.15
CA PRO B 25 25.38 -5.08 -16.12
C PRO B 25 24.99 -4.49 -14.80
N SER B 26 25.41 -5.18 -13.75
CA SER B 26 25.25 -4.75 -12.36
C SER B 26 25.64 -3.29 -12.23
N LYS B 27 24.88 -2.48 -11.49
CA LYS B 27 25.11 -1.02 -11.39
C LYS B 27 24.75 -0.14 -12.59
N SER B 28 24.35 -0.67 -13.75
CA SER B 28 23.94 0.27 -14.82
C SER B 28 22.56 0.89 -14.54
N THR B 29 22.31 2.04 -15.14
CA THR B 29 21.09 2.73 -14.96
C THR B 29 20.16 2.52 -16.13
N LEU B 30 19.05 1.79 -15.91
CA LEU B 30 17.97 1.61 -16.89
C LEU B 30 17.19 2.91 -17.11
N ILE B 31 16.86 3.64 -16.04
CA ILE B 31 15.94 4.80 -16.16
C ILE B 31 16.44 6.03 -15.36
N HIS B 32 16.34 7.21 -15.95
CA HIS B 32 16.77 8.45 -15.30
C HIS B 32 15.58 9.29 -14.87
N GLN B 33 15.49 9.59 -13.58
CA GLN B 33 14.48 10.53 -13.10
C GLN B 33 14.41 11.69 -14.07
N GLY B 34 13.19 12.10 -14.39
CA GLY B 34 13.04 13.19 -15.31
C GLY B 34 13.01 12.92 -16.80
N GLU B 35 13.34 11.70 -17.27
CA GLU B 35 13.19 11.48 -18.73
C GLU B 35 11.69 11.49 -19.02
N LYS B 36 11.28 11.68 -20.26
CA LYS B 36 9.83 11.51 -20.55
C LYS B 36 9.47 10.00 -20.43
N ALA B 37 8.20 9.68 -20.20
CA ALA B 37 7.80 8.28 -19.96
C ALA B 37 7.03 7.78 -21.14
N GLU B 38 7.72 7.01 -21.97
CA GLU B 38 7.11 6.46 -23.20
C GLU B 38 7.25 4.91 -23.33
N THR B 39 7.92 4.29 -22.40
CA THR B 39 8.17 2.86 -22.52
C THR B 39 7.84 2.08 -21.26
N LEU B 40 7.38 0.84 -21.47
CA LEU B 40 7.15 -0.08 -20.40
C LEU B 40 8.31 -1.06 -20.35
N TYR B 41 8.72 -1.41 -19.14
CA TYR B 41 9.81 -2.37 -18.96
C TYR B 41 9.29 -3.62 -18.33
N TYR B 42 9.96 -4.75 -18.60
CA TYR B 42 9.67 -6.00 -17.86
C TYR B 42 10.95 -6.82 -17.57
N ILE B 43 11.15 -7.33 -16.35
CA ILE B 43 12.43 -7.94 -16.03
C ILE B 43 12.42 -9.42 -16.34
N VAL B 44 13.28 -9.78 -17.27
CA VAL B 44 13.30 -11.15 -17.73
C VAL B 44 14.22 -11.91 -16.80
N LYS B 45 15.24 -11.23 -16.27
CA LYS B 45 16.14 -11.89 -15.35
C LYS B 45 16.81 -10.87 -14.50
N GLY B 46 17.07 -11.16 -13.23
CA GLY B 46 17.79 -10.19 -12.40
C GLY B 46 16.91 -9.33 -11.47
N SER B 47 17.50 -8.24 -10.95
CA SER B 47 16.88 -7.36 -9.97
C SER B 47 17.40 -5.99 -10.12
N VAL B 48 16.51 -5.01 -9.95
CA VAL B 48 16.86 -3.59 -10.08
C VAL B 48 16.38 -2.86 -8.80
N ALA B 49 16.87 -1.65 -8.62
CA ALA B 49 16.41 -0.84 -7.51
C ALA B 49 15.84 0.45 -8.04
N VAL B 50 14.71 0.84 -7.46
CA VAL B 50 14.13 2.16 -7.72
C VAL B 50 14.65 3.17 -6.69
N LEU B 51 15.17 4.31 -7.16
CA LEU B 51 15.77 5.32 -6.26
C LEU B 51 15.42 6.75 -6.60
N ILE B 52 15.39 7.58 -5.55
CA ILE B 52 15.21 9.03 -5.68
C ILE B 52 16.27 9.73 -4.85
N LYS B 53 16.19 11.05 -4.82
CA LYS B 53 17.06 11.87 -3.95
C LYS B 53 16.32 12.42 -2.72
N ASP B 54 16.88 12.15 -1.53
CA ASP B 54 16.25 12.40 -0.20
C ASP B 54 16.20 13.88 0.19
N GLU B 55 16.08 14.13 1.51
CA GLU B 55 16.20 15.50 2.07
C GLU B 55 17.60 16.07 1.82
N GLU B 56 17.68 17.14 1.05
CA GLU B 56 18.97 17.80 0.70
C GLU B 56 19.69 17.20 -0.55
N GLY B 57 19.26 16.01 -1.00
CA GLY B 57 19.86 15.42 -2.22
C GLY B 57 20.74 14.18 -2.10
N LYS B 58 20.38 13.24 -1.20
CA LYS B 58 21.07 11.90 -1.21
C LYS B 58 20.19 10.75 -1.83
N GLU B 59 20.76 9.55 -1.95
CA GLU B 59 20.11 8.39 -2.60
C GLU B 59 19.59 7.38 -1.55
N ILE B 61 16.78 4.69 -1.99
CA ILE B 61 16.11 3.45 -2.37
C ILE B 61 14.63 3.48 -2.04
N LEU B 62 13.80 3.34 -3.04
CA LEU B 62 12.37 3.24 -2.79
C LEU B 62 11.84 1.83 -2.80
N SER B 63 12.43 0.95 -3.64
CA SER B 63 12.00 -0.43 -3.73
C SER B 63 12.86 -1.26 -4.67
N TYR B 64 12.61 -2.57 -4.64
CA TYR B 64 13.27 -3.55 -5.48
C TYR B 64 12.25 -4.18 -6.40
N LEU B 65 12.70 -4.52 -7.62
CA LEU B 65 11.93 -5.24 -8.58
C LEU B 65 12.83 -6.30 -9.14
N ASN B 66 12.24 -7.47 -9.43
CA ASN B 66 12.95 -8.68 -9.75
C ASN B 66 12.36 -9.37 -11.01
N GLN B 67 12.86 -10.57 -11.29
CA GLN B 67 12.45 -11.30 -12.42
C GLN B 67 10.91 -11.34 -12.41
N GLY B 68 10.27 -10.97 -13.51
CA GLY B 68 8.86 -11.18 -13.59
C GLY B 68 8.05 -9.95 -13.21
N ASP B 69 8.72 -8.90 -12.73
CA ASP B 69 8.14 -7.52 -12.57
C ASP B 69 8.18 -6.58 -13.76
N PHE B 70 7.09 -5.82 -13.97
CA PHE B 70 7.07 -4.65 -14.84
C PHE B 70 7.76 -3.49 -14.15
N ILE B 71 8.18 -2.49 -14.93
CA ILE B 71 8.71 -1.23 -14.42
C ILE B 71 8.06 -0.12 -15.26
N GLY B 72 7.58 0.95 -14.62
CA GLY B 72 7.00 2.10 -15.31
C GLY B 72 5.59 1.83 -15.75
N GLU B 73 4.93 0.84 -15.14
CA GLU B 73 3.52 0.55 -15.60
C GLU B 73 2.53 1.72 -15.35
N LEU B 74 2.82 2.57 -14.37
CA LEU B 74 1.83 3.65 -14.00
C LEU B 74 1.84 4.61 -15.12
N GLY B 75 2.99 4.74 -15.79
CA GLY B 75 3.09 5.64 -16.91
C GLY B 75 2.21 5.26 -18.07
N LEU B 76 1.81 4.00 -18.13
CA LEU B 76 1.00 3.55 -19.25
C LEU B 76 -0.32 4.32 -19.26
N PHE B 77 -0.68 4.88 -18.10
CA PHE B 77 -2.02 5.45 -17.95
C PHE B 77 -2.19 6.95 -18.24
N GLU B 78 -1.16 7.75 -18.00
CA GLU B 78 -1.16 9.14 -18.47
C GLU B 78 -0.07 9.29 -19.49
N GLU B 79 -0.45 9.51 -20.73
CA GLU B 79 0.59 9.76 -21.69
C GLU B 79 1.27 11.06 -21.36
N GLY B 80 2.59 11.04 -21.47
CA GLY B 80 3.37 12.25 -21.41
C GLY B 80 4.11 12.52 -20.12
N GLN B 81 3.78 11.79 -19.05
CA GLN B 81 4.34 12.14 -17.74
C GLN B 81 5.85 12.01 -17.73
N GLU B 82 6.48 12.19 -16.58
CA GLU B 82 7.94 11.98 -16.54
C GLU B 82 8.36 10.96 -15.50
N ARG B 83 9.56 10.37 -15.67
CA ARG B 83 10.05 9.44 -14.66
C ARG B 83 10.23 10.10 -13.30
N SER B 84 9.61 9.49 -12.29
CA SER B 84 9.61 9.98 -10.93
C SER B 84 10.83 9.51 -10.17
N ALA B 85 11.54 8.55 -10.73
CA ALA B 85 12.67 7.97 -10.01
C ALA B 85 13.77 7.50 -10.97
N TRP B 86 14.86 6.97 -10.41
CA TRP B 86 15.93 6.46 -11.21
C TRP B 86 15.72 4.99 -11.09
N VAL B 87 16.14 4.22 -12.10
CA VAL B 87 16.11 2.76 -11.88
C VAL B 87 17.44 2.18 -12.27
N ARG B 88 17.99 1.33 -11.39
CA ARG B 88 19.31 0.79 -11.63
C ARG B 88 19.47 -0.72 -11.34
N ALA B 89 20.32 -1.37 -12.11
CA ALA B 89 20.55 -2.81 -11.91
C ALA B 89 21.28 -3.12 -10.60
N LYS B 90 20.75 -4.10 -9.85
CA LYS B 90 21.31 -4.49 -8.58
C LYS B 90 22.20 -5.71 -8.88
N THR B 91 21.70 -6.59 -9.74
CA THR B 91 22.43 -7.72 -10.27
C THR B 91 22.55 -7.48 -11.77
N ALA B 92 23.25 -8.39 -12.47
CA ALA B 92 23.19 -8.43 -13.96
C ALA B 92 21.72 -8.61 -14.36
N CYS B 93 21.27 -7.93 -15.42
CA CYS B 93 19.88 -7.86 -15.77
C CYS B 93 19.62 -8.14 -17.23
N GLU B 94 18.57 -8.90 -17.52
CA GLU B 94 17.90 -8.89 -18.84
C GLU B 94 16.58 -8.17 -18.73
N VAL B 95 16.42 -7.13 -19.53
CA VAL B 95 15.21 -6.30 -19.43
C VAL B 95 14.56 -6.15 -20.77
N ALA B 96 13.23 -6.33 -20.80
CA ALA B 96 12.48 -6.21 -22.08
C ALA B 96 11.85 -4.85 -22.04
N GLU B 97 11.67 -4.23 -23.21
CA GLU B 97 11.03 -2.98 -23.27
C GLU B 97 10.17 -2.82 -24.49
N ILE B 98 9.13 -2.02 -24.37
CA ILE B 98 8.20 -1.81 -25.45
C ILE B 98 7.54 -0.46 -25.19
N SER B 99 7.28 0.30 -26.22
CA SER B 99 6.67 1.62 -26.01
C SER B 99 5.25 1.44 -25.47
N TYR B 100 4.75 2.43 -24.72
CA TYR B 100 3.33 2.35 -24.22
C TYR B 100 2.33 2.22 -25.38
N LYS B 101 2.59 2.90 -26.50
CA LYS B 101 1.61 2.90 -27.59
C LYS B 101 1.50 1.55 -28.29
N LYS B 102 2.63 0.92 -28.50
CA LYS B 102 2.58 -0.48 -28.94
C LYS B 102 1.96 -1.48 -27.91
N PHE B 103 2.33 -1.36 -26.65
CA PHE B 103 1.64 -2.17 -25.60
C PHE B 103 0.12 -2.01 -25.67
N ARG B 104 -0.35 -0.79 -25.81
CA ARG B 104 -1.79 -0.57 -26.04
C ARG B 104 -2.32 -1.41 -27.17
N GLN B 105 -1.56 -1.56 -28.27
CA GLN B 105 -2.03 -2.38 -29.40
C GLN B 105 -2.08 -3.81 -29.03
N LEU B 106 -1.05 -4.27 -28.31
CA LEU B 106 -1.02 -5.63 -27.82
C LEU B 106 -2.27 -5.93 -27.02
N ILE B 107 -2.63 -4.97 -26.16
CA ILE B 107 -3.83 -5.09 -25.29
C ILE B 107 -5.06 -5.49 -26.13
N GLN B 108 -5.22 -4.82 -27.27
CA GLN B 108 -6.38 -5.06 -28.18
C GLN B 108 -6.35 -6.46 -28.71
N VAL B 109 -5.17 -7.04 -28.82
CA VAL B 109 -5.06 -8.37 -29.40
C VAL B 109 -5.15 -9.43 -28.37
N ASN B 110 -4.48 -9.28 -27.23
CA ASN B 110 -4.63 -10.24 -26.19
C ASN B 110 -4.62 -9.47 -24.86
N PRO B 111 -5.83 -9.23 -24.30
CA PRO B 111 -6.00 -8.51 -23.05
C PRO B 111 -5.30 -9.18 -21.88
N ASP B 112 -4.90 -10.45 -22.02
CA ASP B 112 -4.29 -11.09 -20.91
C ASP B 112 -3.03 -10.36 -20.37
N ILE B 113 -2.31 -9.65 -21.23
CA ILE B 113 -1.04 -9.08 -20.83
C ILE B 113 -1.31 -7.84 -19.93
N LEU B 114 -2.41 -7.15 -20.19
CA LEU B 114 -3.03 -6.16 -19.25
C LEU B 114 -3.44 -6.80 -17.91
N ARG B 116 -1.95 -9.27 -16.49
CA ARG B 116 -0.75 -9.49 -15.71
C ARG B 116 -0.18 -8.20 -15.20
N LEU B 117 -0.17 -7.13 -16.03
CA LEU B 117 0.33 -5.93 -15.53
C LEU B 117 -0.56 -5.46 -14.31
N SER B 118 -1.87 -5.65 -14.41
CA SER B 118 -2.81 -5.15 -13.39
C SER B 118 -2.69 -5.99 -12.16
N ALA B 119 -2.33 -7.26 -12.30
CA ALA B 119 -2.02 -8.05 -11.13
C ALA B 119 -0.93 -7.42 -10.32
N GLN B 120 0.05 -6.84 -10.97
CA GLN B 120 1.14 -6.26 -10.19
C GLN B 120 0.70 -4.96 -9.48
N ALA B 122 -2.23 -4.56 -8.48
CA ALA B 122 -3.02 -5.13 -7.44
C ALA B 122 -2.16 -5.46 -6.25
N ARG B 123 -1.02 -6.11 -6.51
CA ARG B 123 -0.15 -6.47 -5.36
C ARG B 123 0.41 -5.24 -4.68
N ARG B 124 0.76 -4.23 -5.45
CA ARG B 124 1.30 -3.01 -4.86
C ARG B 124 0.21 -2.38 -3.97
N LEU B 125 -1.02 -2.32 -4.50
CA LEU B 125 -2.10 -1.70 -3.71
C LEU B 125 -2.33 -2.53 -2.45
N GLN B 126 -2.30 -3.86 -2.55
CA GLN B 126 -2.42 -4.68 -1.36
C GLN B 126 -1.32 -4.44 -0.31
N VAL B 127 -0.04 -4.30 -0.67
CA VAL B 127 0.93 -3.97 0.38
C VAL B 127 0.67 -2.58 1.00
N THR B 128 0.36 -1.61 0.17
CA THR B 128 0.01 -0.28 0.62
C THR B 128 -1.13 -0.26 1.68
N SER B 129 -2.13 -1.13 1.48
CA SER B 129 -3.24 -1.35 2.39
C SER B 129 -2.83 -1.82 3.74
N GLU B 130 -1.82 -2.66 3.75
CA GLU B 130 -1.30 -3.23 4.95
C GLU B 130 -0.65 -2.26 5.93
N LYS B 131 -0.18 -1.09 5.49
CA LYS B 131 0.38 -0.13 6.47
C LYS B 131 -0.72 0.72 7.11
N VAL B 132 -1.99 0.50 6.76
CA VAL B 132 -3.01 1.44 7.11
C VAL B 132 -3.67 1.02 8.40
N GLY B 133 -3.77 2.00 9.29
CA GLY B 133 -4.36 1.77 10.55
C GLY B 133 -4.60 3.00 11.41
N ASN B 134 -5.20 2.69 12.55
CA ASN B 134 -5.40 3.65 13.65
C ASN B 134 -4.13 3.86 14.52
N LEU B 135 -4.26 4.75 15.50
CA LEU B 135 -3.12 5.06 16.38
C LEU B 135 -2.62 3.90 17.14
N ALA B 136 -3.47 3.00 17.58
CA ALA B 136 -2.98 1.87 18.39
C ALA B 136 -2.12 0.91 17.52
N PHE B 137 -2.48 0.81 16.25
CA PHE B 137 -1.69 0.08 15.26
C PHE B 137 -0.34 0.75 15.02
N LEU B 138 -0.32 2.07 14.84
CA LEU B 138 0.95 2.76 14.74
C LEU B 138 1.82 2.59 15.97
N ASP B 139 1.18 2.57 17.14
CA ASP B 139 1.84 2.43 18.42
C ASP B 139 2.50 1.04 18.51
N VAL B 140 1.73 0.01 18.28
CA VAL B 140 2.24 -1.35 18.32
C VAL B 140 3.35 -1.48 17.18
N THR B 141 3.12 -0.85 16.02
CA THR B 141 4.05 -1.00 14.92
C THR B 141 5.37 -0.45 15.42
N GLY B 142 5.30 0.67 16.13
CA GLY B 142 6.49 1.39 16.61
C GLY B 142 7.20 0.59 17.71
N ARG B 143 6.44 -0.19 18.49
CA ARG B 143 7.00 -0.95 19.60
C ARG B 143 7.79 -2.18 19.09
N ILE B 144 7.30 -2.79 18.01
CA ILE B 144 8.00 -3.91 17.38
C ILE B 144 9.29 -3.38 16.72
N ALA B 145 9.20 -2.27 15.98
CA ALA B 145 10.37 -1.74 15.32
C ALA B 145 11.43 -1.40 16.34
N GLN B 146 10.99 -0.87 17.48
CA GLN B 146 11.88 -0.50 18.57
C GLN B 146 12.57 -1.74 19.15
N THR B 147 11.74 -2.71 19.45
CA THR B 147 12.24 -3.94 19.95
C THR B 147 13.32 -4.51 18.99
N LEU B 148 13.02 -4.48 17.67
CA LEU B 148 13.97 -5.07 16.72
C LEU B 148 15.32 -4.37 16.74
N LEU B 149 15.26 -3.05 16.65
CA LEU B 149 16.42 -2.21 16.66
C LEU B 149 17.24 -2.38 17.97
N ASN B 150 16.53 -2.43 19.10
CA ASN B 150 17.19 -2.69 20.36
C ASN B 150 17.96 -4.08 20.44
N LEU B 151 17.30 -5.17 20.07
CA LEU B 151 17.97 -6.46 19.93
C LEU B 151 19.20 -6.39 19.01
N ALA B 152 19.08 -5.65 17.91
CA ALA B 152 20.17 -5.61 16.95
C ALA B 152 21.43 -4.93 17.54
N LYS B 153 21.29 -4.19 18.63
CA LYS B 153 22.41 -3.59 19.29
C LYS B 153 22.94 -4.42 20.50
N GLN B 154 22.29 -5.53 20.83
CA GLN B 154 22.68 -6.44 21.93
C GLN B 154 23.93 -7.31 21.62
N PRO B 155 24.46 -8.07 22.61
CA PRO B 155 25.59 -9.01 22.32
C PRO B 155 25.11 -10.32 21.69
N ASP B 156 23.88 -10.68 22.02
CA ASP B 156 23.20 -11.82 21.46
C ASP B 156 23.11 -11.75 19.92
N ALA B 157 23.48 -10.61 19.37
CA ALA B 157 23.24 -10.32 17.97
C ALA B 157 24.51 -10.48 17.22
N THR B 159 26.72 -9.70 13.28
CA THR B 159 26.89 -9.16 11.93
C THR B 159 26.40 -10.09 10.85
N HIS B 160 25.79 -9.48 9.86
CA HIS B 160 25.29 -10.14 8.71
C HIS B 160 25.69 -9.19 7.63
N PRO B 161 25.75 -9.65 6.36
CA PRO B 161 26.04 -8.76 5.21
C PRO B 161 25.08 -7.58 5.09
N ASP B 162 23.79 -7.85 5.29
CA ASP B 162 22.74 -6.89 4.98
C ASP B 162 22.34 -6.05 6.19
N GLY B 163 22.96 -6.32 7.33
CA GLY B 163 22.48 -5.62 8.53
C GLY B 163 22.72 -6.43 9.84
N GLN B 165 21.93 -10.02 12.46
CA GLN B 165 20.96 -11.05 12.52
C GLN B 165 20.64 -11.14 13.95
N ILE B 166 19.36 -11.34 14.27
CA ILE B 166 18.96 -11.65 15.67
C ILE B 166 18.06 -12.87 15.67
N LYS B 167 17.90 -13.53 16.80
CA LYS B 167 16.97 -14.63 16.81
C LYS B 167 15.93 -14.39 17.91
N ILE B 168 14.67 -14.26 17.55
CA ILE B 168 13.59 -14.06 18.50
C ILE B 168 12.31 -14.54 17.88
N THR B 169 11.47 -15.20 18.70
CA THR B 169 10.18 -15.76 18.25
C THR B 169 9.07 -14.70 18.23
N ARG B 170 8.00 -15.00 17.50
CA ARG B 170 6.83 -14.12 17.41
C ARG B 170 6.16 -13.99 18.76
N GLN B 171 6.02 -15.11 19.47
CA GLN B 171 5.45 -15.12 20.83
C GLN B 171 6.32 -14.24 21.70
N GLU B 172 7.61 -14.33 21.50
CA GLU B 172 8.50 -13.55 22.33
C GLU B 172 8.38 -12.02 22.09
N ILE B 173 8.15 -11.62 20.85
CA ILE B 173 8.03 -10.19 20.56
C ILE B 173 6.64 -9.80 21.10
N GLY B 174 5.64 -10.62 20.78
CA GLY B 174 4.25 -10.44 21.26
C GLY B 174 4.20 -10.16 22.75
N GLN B 175 5.16 -10.75 23.47
CA GLN B 175 5.29 -10.64 24.91
C GLN B 175 5.93 -9.32 25.38
N ILE B 176 7.09 -8.98 24.82
CA ILE B 176 7.81 -7.78 25.18
C ILE B 176 6.97 -6.53 24.93
N VAL B 177 6.14 -6.63 23.94
CA VAL B 177 5.54 -5.52 23.26
C VAL B 177 4.09 -5.47 23.73
N GLY B 178 3.54 -6.64 24.09
CA GLY B 178 2.19 -6.80 24.57
C GLY B 178 1.15 -6.81 23.48
N CYS B 179 1.28 -7.72 22.50
CA CYS B 179 0.21 -7.92 21.51
C CYS B 179 0.04 -9.40 21.09
N SER B 180 -1.00 -9.75 20.31
CA SER B 180 -1.10 -11.12 19.70
C SER B 180 0.01 -11.41 18.65
N ARG B 181 0.25 -12.72 18.43
CA ARG B 181 1.22 -13.21 17.48
C ARG B 181 0.62 -12.88 16.13
N GLU B 182 -0.67 -13.10 15.98
CA GLU B 182 -1.39 -12.63 14.80
C GLU B 182 -0.92 -11.22 14.42
N THR B 183 -0.81 -10.34 15.43
CA THR B 183 -0.44 -8.90 15.28
C THR B 183 1.06 -8.76 14.90
N VAL B 184 1.93 -9.44 15.65
CA VAL B 184 3.33 -9.53 15.33
C VAL B 184 3.52 -9.96 13.87
N GLY B 185 2.81 -11.03 13.44
CA GLY B 185 3.04 -11.60 12.11
C GLY B 185 2.73 -10.60 11.03
N ARG B 186 1.62 -9.91 11.21
CA ARG B 186 1.14 -8.92 10.26
C ARG B 186 2.15 -7.78 10.19
N ILE B 187 2.72 -7.42 11.34
CA ILE B 187 3.66 -6.28 11.37
C ILE B 187 5.05 -6.69 10.77
N LEU B 188 5.52 -7.85 11.18
CA LEU B 188 6.74 -8.46 10.58
C LEU B 188 6.60 -8.53 9.04
N LYS B 189 5.42 -8.95 8.59
CA LYS B 189 5.20 -9.09 7.20
C LYS B 189 5.25 -7.76 6.59
N LEU B 191 6.84 -5.07 7.71
CA LEU B 191 8.23 -4.52 7.71
C LEU B 191 9.08 -5.23 6.59
N GLU B 192 8.80 -6.52 6.38
CA GLU B 192 9.52 -7.28 5.36
C GLU B 192 9.14 -6.73 4.01
N ASP B 193 7.84 -6.58 3.76
CA ASP B 193 7.36 -5.84 2.52
C ASP B 193 7.90 -4.44 2.26
N GLN B 194 8.19 -3.67 3.30
CA GLN B 194 8.83 -2.36 3.15
C GLN B 194 10.35 -2.43 3.10
N ASN B 195 10.88 -3.65 2.98
CA ASN B 195 12.33 -3.84 2.87
C ASN B 195 13.09 -3.37 4.05
N LEU B 196 12.58 -3.55 5.27
CA LEU B 196 13.36 -3.11 6.39
C LEU B 196 13.98 -4.26 7.16
N ILE B 197 13.38 -5.45 7.06
CA ILE B 197 13.87 -6.64 7.73
C ILE B 197 13.63 -7.81 6.75
N SER B 198 14.22 -8.96 7.03
CA SER B 198 13.70 -10.24 6.50
C SER B 198 13.62 -11.16 7.70
N ALA B 199 12.71 -12.10 7.65
CA ALA B 199 12.44 -12.95 8.83
C ALA B 199 12.19 -14.37 8.41
N HIS B 200 12.99 -15.30 8.92
CA HIS B 200 12.73 -16.71 8.69
C HIS B 200 12.70 -17.45 10.01
N GLY B 201 11.50 -17.92 10.37
CA GLY B 201 11.26 -18.50 11.70
C GLY B 201 11.78 -17.60 12.83
N LYS B 202 12.61 -18.17 13.70
CA LYS B 202 13.24 -17.45 14.82
C LYS B 202 14.25 -16.40 14.33
N THR B 203 14.64 -16.44 13.06
CA THR B 203 15.77 -15.61 12.59
C THR B 203 15.36 -14.34 11.81
N ILE B 204 15.70 -13.19 12.35
CA ILE B 204 15.34 -11.96 11.64
C ILE B 204 16.60 -11.22 11.34
N VAL B 205 16.75 -10.71 10.12
CA VAL B 205 17.83 -9.75 9.89
C VAL B 205 17.25 -8.33 9.68
N VAL B 206 17.76 -7.40 10.50
CA VAL B 206 17.37 -6.02 10.59
C VAL B 206 18.38 -5.36 9.69
N TYR B 207 17.93 -4.80 8.55
CA TYR B 207 18.84 -4.21 7.58
C TYR B 207 19.38 -2.94 8.15
N GLY B 208 20.63 -2.62 7.83
CA GLY B 208 21.14 -1.35 8.29
C GLY B 208 22.53 -1.06 7.80
N THR B 209 22.75 0.21 7.45
CA THR B 209 24.11 0.80 7.31
C THR B 209 25.15 -0.19 6.76
N ARG B 210 24.81 -0.90 5.69
CA ARG B 210 25.68 -1.95 5.11
C ARG B 210 25.42 -2.17 3.61
#